data_3UG8
#
_entry.id   3UG8
#
_cell.length_a   56.663
_cell.length_b   63.940
_cell.length_c   96.524
_cell.angle_alpha   90.00
_cell.angle_beta   90.00
_cell.angle_gamma   90.00
#
_symmetry.space_group_name_H-M   'P 21 21 21'
#
loop_
_entity.id
_entity.type
_entity.pdbx_description
1 polymer 'Aldo-keto reductase family 1 member C3'
2 non-polymer 'NADP NICOTINAMIDE-ADENINE-DINUCLEOTIDE PHOSPHATE'
3 non-polymer INDOMETHACIN
4 non-polymer 1,2-ETHANEDIOL
5 water water
#
_entity_poly.entity_id   1
_entity_poly.type   'polypeptide(L)'
_entity_poly.pdbx_seq_one_letter_code
;MDSKHQCVKLNDGHFMPVLGFGTYAPPEVPRSKALEVTKLAIEAGFRHIDSAHLYNNEEQVGLAIRSKIADGSVKREDIF
YTSKLWSTFHRPELVRPALENSLKKAQLDYVDLYLIHSPMSLKPGEELSPTDENGKVIFDIVDLCTTWEAMEKCKDAGLA
KSIGVSNFNRRQLEMILNKPGLKYKPVCNQVECHPYFNRSKLLDFCKSKDIVLVAYSALGSQRDKRWVDPNSPVLLEDPV
LCALAKKHKRTPALIALRYQLQRGVVVLAKSYNEQRIRQNVQVFEFQLTAEDMKAIDGLDRNLHYFNSDSFASHPNYPYS
DEYLEHHHHHH
;
_entity_poly.pdbx_strand_id   A
#
loop_
_chem_comp.id
_chem_comp.type
_chem_comp.name
_chem_comp.formula
EDO non-polymer 1,2-ETHANEDIOL 'C2 H6 O2'
IMN non-polymer INDOMETHACIN 'C19 H16 Cl N O4'
NAP non-polymer 'NADP NICOTINAMIDE-ADENINE-DINUCLEOTIDE PHOSPHATE' 'C21 H28 N7 O17 P3'
#
# COMPACT_ATOMS: atom_id res chain seq x y z
N GLN A 6 1.21 16.62 0.97
CA GLN A 6 2.67 16.66 1.20
C GLN A 6 3.19 15.33 1.82
N CYS A 7 4.28 15.34 2.59
CA CYS A 7 5.09 14.14 2.71
C CYS A 7 5.47 13.77 4.14
N VAL A 8 6.00 12.57 4.31
CA VAL A 8 6.51 12.12 5.58
C VAL A 8 7.95 11.64 5.35
N LYS A 9 8.80 11.91 6.32
CA LYS A 9 10.21 11.57 6.21
C LYS A 9 10.35 10.13 6.69
N LEU A 10 10.94 9.27 5.86
CA LEU A 10 11.09 7.88 6.21
C LEU A 10 12.34 7.72 7.07
N ASN A 11 12.53 6.52 7.65
CA ASN A 11 13.64 6.35 8.59
C ASN A 11 15.02 6.22 7.92
N ASP A 12 15.04 6.19 6.58
CA ASP A 12 16.31 6.21 5.81
C ASP A 12 16.58 7.59 5.19
N GLY A 13 15.78 8.59 5.56
CA GLY A 13 16.04 9.96 5.07
C GLY A 13 15.25 10.35 3.81
N HIS A 14 14.62 9.40 3.10
CA HIS A 14 13.83 9.75 1.91
C HIS A 14 12.45 10.19 2.32
N PHE A 15 11.70 10.80 1.41
CA PHE A 15 10.37 11.33 1.70
C PHE A 15 9.31 10.60 0.88
N MET A 16 8.18 10.29 1.54
CA MET A 16 7.10 9.57 0.92
C MET A 16 5.86 10.46 0.91
N PRO A 17 5.21 10.71 -0.27
CA PRO A 17 3.91 11.47 -0.21
C PRO A 17 2.90 10.73 0.63
N VAL A 18 2.09 11.48 1.43
CA VAL A 18 1.16 10.79 2.35
C VAL A 18 -0.13 10.28 1.68
N LEU A 19 -0.43 10.70 0.44
CA LEU A 19 -1.59 10.08 -0.28
C LEU A 19 -1.02 9.37 -1.53
N GLY A 20 -1.42 8.12 -1.70
CA GLY A 20 -0.85 7.30 -2.82
C GLY A 20 -2.02 6.86 -3.68
N PHE A 21 -1.72 6.68 -4.94
CA PHE A 21 -2.70 6.18 -5.90
C PHE A 21 -2.55 4.66 -6.00
N GLY A 22 -3.65 3.96 -5.69
CA GLY A 22 -3.68 2.49 -5.85
C GLY A 22 -3.97 2.08 -7.30
N THR A 23 -3.12 1.19 -7.85
CA THR A 23 -3.26 0.84 -9.30
C THR A 23 -3.81 -0.53 -9.58
N TYR A 24 -4.04 -1.36 -8.55
CA TYR A 24 -4.55 -2.72 -8.93
C TYR A 24 -5.98 -2.67 -9.53
N ALA A 25 -6.24 -3.32 -10.65
CA ALA A 25 -7.59 -3.60 -11.05
C ALA A 25 -7.67 -5.06 -11.39
N PRO A 26 -8.86 -5.66 -11.24
CA PRO A 26 -8.92 -7.12 -11.52
C PRO A 26 -8.75 -7.47 -13.00
N PRO A 27 -8.46 -8.76 -13.32
CA PRO A 27 -8.15 -9.19 -14.69
C PRO A 27 -9.14 -8.79 -15.76
N GLU A 28 -10.43 -8.70 -15.41
CA GLU A 28 -11.39 -8.39 -16.45
C GLU A 28 -11.25 -6.95 -16.97
N VAL A 29 -10.60 -6.05 -16.22
CA VAL A 29 -10.35 -4.68 -16.67
C VAL A 29 -9.23 -4.65 -17.78
N PRO A 30 -9.47 -4.03 -18.94
CA PRO A 30 -8.43 -4.09 -20.02
C PRO A 30 -7.14 -3.47 -19.51
N ARG A 31 -6.01 -4.00 -19.98
CA ARG A 31 -4.71 -3.59 -19.43
C ARG A 31 -4.40 -2.11 -19.72
N SER A 32 -4.92 -1.61 -20.83
CA SER A 32 -4.70 -0.22 -21.27
C SER A 32 -5.30 0.78 -20.26
N LYS A 33 -6.25 0.34 -19.44
CA LYS A 33 -6.93 1.31 -18.58
C LYS A 33 -5.95 1.87 -17.54
N ALA A 34 -5.00 1.04 -17.07
CA ALA A 34 -4.05 1.47 -16.05
C ALA A 34 -3.23 2.68 -16.59
N LEU A 35 -2.86 2.66 -17.88
CA LEU A 35 -2.25 3.84 -18.51
C LEU A 35 -3.11 5.10 -18.31
N GLU A 36 -4.38 5.01 -18.70
N GLU A 36 -4.38 5.03 -18.72
CA GLU A 36 -5.28 6.17 -18.71
CA GLU A 36 -5.25 6.23 -18.70
C GLU A 36 -5.45 6.77 -17.30
C GLU A 36 -5.40 6.79 -17.27
N VAL A 37 -5.68 5.90 -16.33
CA VAL A 37 -6.06 6.35 -15.01
C VAL A 37 -4.84 6.83 -14.23
N THR A 38 -3.66 6.26 -14.55
CA THR A 38 -2.47 6.68 -13.79
C THR A 38 -2.10 8.11 -14.27
N LYS A 39 -2.28 8.37 -15.55
CA LYS A 39 -2.07 9.74 -16.11
C LYS A 39 -3.07 10.68 -15.44
N LEU A 40 -4.35 10.28 -15.36
CA LEU A 40 -5.36 11.16 -14.65
C LEU A 40 -4.97 11.40 -13.20
N ALA A 41 -4.49 10.37 -12.49
CA ALA A 41 -4.04 10.56 -11.11
C ALA A 41 -2.95 11.63 -11.00
N ILE A 42 -1.92 11.47 -11.82
CA ILE A 42 -0.83 12.46 -11.77
C ILE A 42 -1.37 13.84 -12.05
N GLU A 43 -2.27 13.94 -13.03
CA GLU A 43 -2.86 15.27 -13.30
C GLU A 43 -3.59 15.83 -12.10
N ALA A 44 -4.30 14.97 -11.39
CA ALA A 44 -5.13 15.42 -10.28
C ALA A 44 -4.30 15.83 -9.08
N GLY A 45 -3.04 15.40 -9.07
CA GLY A 45 -2.22 15.76 -7.95
C GLY A 45 -1.55 14.59 -7.28
N PHE A 46 -1.86 13.33 -7.65
CA PHE A 46 -1.17 12.23 -6.95
C PHE A 46 0.32 12.24 -7.35
N ARG A 47 1.21 12.01 -6.37
CA ARG A 47 2.71 11.92 -6.61
C ARG A 47 3.30 10.60 -6.10
N HIS A 48 2.47 9.81 -5.44
CA HIS A 48 2.89 8.46 -4.94
C HIS A 48 1.98 7.48 -5.72
N ILE A 49 2.64 6.54 -6.38
CA ILE A 49 1.94 5.60 -7.23
C ILE A 49 2.31 4.19 -6.71
N ASP A 50 1.31 3.36 -6.38
CA ASP A 50 1.59 2.03 -5.80
C ASP A 50 1.29 0.91 -6.79
N SER A 51 2.31 0.12 -7.15
CA SER A 51 2.10 -0.96 -8.08
C SER A 51 2.78 -2.22 -7.48
N ALA A 52 2.96 -3.24 -8.32
CA ALA A 52 3.54 -4.52 -7.91
C ALA A 52 3.67 -5.43 -9.09
N HIS A 53 4.57 -6.41 -8.99
CA HIS A 53 4.71 -7.42 -10.08
C HIS A 53 3.33 -8.15 -10.26
N LEU A 54 2.66 -8.45 -9.14
CA LEU A 54 1.43 -9.27 -9.12
C LEU A 54 0.31 -8.57 -9.95
N TYR A 55 0.41 -7.25 -10.04
CA TYR A 55 -0.68 -6.44 -10.68
C TYR A 55 -0.74 -6.48 -12.20
N ASN A 56 0.30 -7.03 -12.85
CA ASN A 56 0.34 -7.23 -14.29
C ASN A 56 -0.02 -5.89 -14.94
N ASN A 57 0.53 -4.81 -14.38
CA ASN A 57 0.21 -3.50 -14.95
C ASN A 57 1.47 -2.61 -14.95
N GLU A 58 2.64 -3.13 -14.55
CA GLU A 58 3.81 -2.23 -14.37
C GLU A 58 4.22 -1.49 -15.71
N GLU A 59 4.06 -2.18 -16.86
CA GLU A 59 4.33 -1.58 -18.19
C GLU A 59 3.44 -0.36 -18.41
N GLN A 60 2.19 -0.47 -17.99
CA GLN A 60 1.21 0.57 -18.35
C GLN A 60 1.39 1.72 -17.37
N VAL A 61 1.58 1.37 -16.11
CA VAL A 61 1.82 2.38 -15.02
C VAL A 61 3.16 3.13 -15.27
N GLY A 62 4.19 2.38 -15.62
CA GLY A 62 5.41 3.00 -16.07
C GLY A 62 5.30 3.94 -17.29
N LEU A 63 4.51 3.53 -18.30
CA LEU A 63 4.36 4.35 -19.48
C LEU A 63 3.61 5.62 -19.09
N ALA A 64 2.65 5.50 -18.19
CA ALA A 64 1.92 6.72 -17.69
C ALA A 64 2.89 7.71 -17.04
N ILE A 65 3.77 7.20 -16.19
CA ILE A 65 4.71 8.05 -15.49
C ILE A 65 5.64 8.69 -16.52
N ARG A 66 6.12 7.93 -17.50
CA ARG A 66 7.09 8.48 -18.44
C ARG A 66 6.44 9.52 -19.34
N SER A 67 5.17 9.28 -19.64
CA SER A 67 4.41 10.15 -20.48
C SER A 67 4.25 11.54 -19.83
N LYS A 68 3.97 11.54 -18.50
CA LYS A 68 3.78 12.77 -17.70
C LYS A 68 5.10 13.47 -17.39
N ILE A 69 6.21 12.71 -17.43
CA ILE A 69 7.51 13.35 -17.41
C ILE A 69 7.78 14.03 -18.77
N ALA A 70 7.52 13.30 -19.86
CA ALA A 70 7.81 13.81 -21.23
C ALA A 70 7.02 15.05 -21.62
N ASP A 71 5.78 15.15 -21.15
CA ASP A 71 5.01 16.37 -21.43
C ASP A 71 5.27 17.56 -20.47
N GLY A 72 6.17 17.34 -19.52
CA GLY A 72 6.62 18.39 -18.60
C GLY A 72 5.82 18.62 -17.34
N SER A 73 4.81 17.76 -17.08
CA SER A 73 3.94 17.93 -15.93
C SER A 73 4.71 17.66 -14.61
N VAL A 74 5.62 16.69 -14.62
CA VAL A 74 6.39 16.32 -13.42
C VAL A 74 7.81 15.93 -13.81
N LYS A 75 8.70 15.94 -12.84
CA LYS A 75 10.02 15.37 -13.03
C LYS A 75 10.06 14.00 -12.36
N ARG A 76 10.96 13.12 -12.81
CA ARG A 76 11.09 11.76 -12.16
C ARG A 76 11.20 11.91 -10.64
N GLU A 77 12.03 12.84 -10.19
CA GLU A 77 12.16 13.08 -8.76
C GLU A 77 10.95 13.55 -8.02
N ASP A 78 9.91 14.00 -8.73
CA ASP A 78 8.68 14.41 -8.07
C ASP A 78 7.74 13.21 -7.87
N ILE A 79 8.07 12.06 -8.50
CA ILE A 79 7.24 10.89 -8.45
C ILE A 79 7.77 9.87 -7.44
N PHE A 80 6.89 9.27 -6.62
CA PHE A 80 7.36 8.22 -5.69
C PHE A 80 6.66 6.95 -6.20
N TYR A 81 7.42 6.03 -6.80
CA TYR A 81 6.86 4.83 -7.36
C TYR A 81 7.24 3.63 -6.52
N THR A 82 6.24 2.85 -6.14
CA THR A 82 6.47 1.61 -5.37
C THR A 82 6.19 0.40 -6.22
N SER A 83 7.08 -0.59 -6.11
CA SER A 83 6.71 -1.94 -6.57
C SER A 83 6.94 -2.95 -5.47
N LYS A 84 6.63 -4.20 -5.73
CA LYS A 84 6.64 -5.18 -4.65
C LYS A 84 7.11 -6.51 -5.22
N LEU A 85 7.92 -7.18 -4.41
CA LEU A 85 8.47 -8.52 -4.70
C LEU A 85 7.39 -9.54 -4.44
N TRP A 86 7.02 -10.36 -5.45
CA TRP A 86 5.95 -11.26 -5.26
C TRP A 86 6.50 -12.47 -4.42
N SER A 87 5.57 -13.28 -3.88
CA SER A 87 5.93 -14.31 -2.87
C SER A 87 6.53 -15.57 -3.41
N THR A 88 6.55 -15.74 -4.75
CA THR A 88 7.34 -16.80 -5.36
C THR A 88 8.80 -16.44 -5.52
N PHE A 89 9.17 -15.21 -5.09
CA PHE A 89 10.54 -14.77 -5.31
C PHE A 89 11.23 -14.40 -3.98
N HIS A 90 10.80 -15.04 -2.88
CA HIS A 90 11.44 -14.78 -1.56
C HIS A 90 12.81 -15.44 -1.39
N ARG A 91 13.14 -16.44 -2.16
CA ARG A 91 14.49 -17.02 -2.03
C ARG A 91 15.49 -15.91 -2.40
N PRO A 92 16.53 -15.70 -1.54
CA PRO A 92 17.28 -14.46 -1.69
C PRO A 92 17.95 -14.25 -3.08
N GLU A 93 18.33 -15.34 -3.74
CA GLU A 93 19.00 -15.24 -5.06
C GLU A 93 17.98 -14.70 -6.12
N LEU A 94 16.68 -14.71 -5.81
CA LEU A 94 15.67 -14.28 -6.76
C LEU A 94 15.20 -12.84 -6.66
N VAL A 95 15.65 -12.17 -5.58
CA VAL A 95 15.08 -10.87 -5.21
C VAL A 95 15.61 -9.78 -6.18
N ARG A 96 16.93 -9.76 -6.42
CA ARG A 96 17.41 -8.71 -7.32
C ARG A 96 16.91 -8.91 -8.75
N PRO A 97 16.91 -10.14 -9.25
CA PRO A 97 16.35 -10.33 -10.61
C PRO A 97 14.90 -9.95 -10.70
N ALA A 98 14.10 -10.21 -9.67
CA ALA A 98 12.66 -9.81 -9.67
C ALA A 98 12.54 -8.28 -9.73
N LEU A 99 13.40 -7.58 -8.96
CA LEU A 99 13.31 -6.13 -9.01
C LEU A 99 13.78 -5.56 -10.37
N GLU A 100 14.89 -6.11 -10.90
CA GLU A 100 15.32 -5.73 -12.26
C GLU A 100 14.22 -5.96 -13.31
N ASN A 101 13.46 -7.06 -13.21
CA ASN A 101 12.33 -7.27 -14.14
C ASN A 101 11.25 -6.21 -14.02
N SER A 102 10.93 -5.82 -12.79
CA SER A 102 9.92 -4.73 -12.55
C SER A 102 10.41 -3.40 -13.14
N LEU A 103 11.70 -3.13 -12.95
CA LEU A 103 12.29 -1.89 -13.51
C LEU A 103 12.21 -1.92 -15.04
N LYS A 104 12.52 -3.08 -15.64
CA LYS A 104 12.48 -3.17 -17.09
C LYS A 104 11.05 -3.01 -17.61
N LYS A 105 10.06 -3.60 -16.92
CA LYS A 105 8.67 -3.48 -17.37
C LYS A 105 8.22 -2.03 -17.35
N ALA A 106 8.57 -1.34 -16.25
CA ALA A 106 8.10 0.08 -16.02
C ALA A 106 8.94 1.02 -16.79
N GLN A 107 10.08 0.51 -17.29
CA GLN A 107 11.12 1.32 -17.95
C GLN A 107 11.65 2.47 -17.04
N LEU A 108 11.97 2.15 -15.81
CA LEU A 108 12.53 3.10 -14.83
C LEU A 108 13.92 2.64 -14.44
N ASP A 109 14.74 3.59 -13.97
CA ASP A 109 16.09 3.20 -13.48
C ASP A 109 16.10 2.76 -12.03
N TYR A 110 15.10 3.22 -11.26
CA TYR A 110 15.00 2.81 -9.86
C TYR A 110 13.57 2.87 -9.44
N VAL A 111 13.22 2.14 -8.38
CA VAL A 111 11.88 2.37 -7.72
C VAL A 111 12.15 3.23 -6.49
N ASP A 112 11.20 4.09 -6.10
CA ASP A 112 11.40 4.78 -4.84
C ASP A 112 11.28 3.85 -3.65
N LEU A 113 10.44 2.84 -3.80
CA LEU A 113 10.19 1.89 -2.72
C LEU A 113 9.96 0.50 -3.26
N TYR A 114 10.66 -0.47 -2.66
CA TYR A 114 10.42 -1.86 -3.02
C TYR A 114 9.98 -2.57 -1.73
N LEU A 115 8.88 -3.32 -1.82
CA LEU A 115 8.40 -4.01 -0.63
C LEU A 115 8.46 -5.50 -0.82
N ILE A 116 8.63 -6.21 0.28
CA ILE A 116 8.18 -7.67 0.31
C ILE A 116 6.66 -7.67 0.35
N HIS A 117 6.01 -8.16 -0.73
CA HIS A 117 4.57 -7.99 -0.88
C HIS A 117 3.77 -8.68 0.31
N SER A 118 4.27 -9.84 0.74
CA SER A 118 3.58 -10.58 1.82
C SER A 118 4.60 -11.54 2.43
N PRO A 119 4.39 -11.95 3.71
CA PRO A 119 5.26 -12.91 4.37
C PRO A 119 4.92 -14.33 3.95
N MET A 120 3.89 -14.51 3.14
CA MET A 120 3.43 -15.87 2.86
C MET A 120 4.11 -16.42 1.64
N SER A 121 5.26 -17.01 1.80
CA SER A 121 6.08 -17.52 0.69
C SER A 121 5.37 -18.63 -0.07
N LEU A 122 5.58 -18.60 -1.41
CA LEU A 122 5.02 -19.65 -2.30
C LEU A 122 6.14 -20.30 -3.09
N LYS A 123 5.91 -21.54 -3.50
CA LYS A 123 6.84 -22.39 -4.29
C LYS A 123 7.38 -21.55 -5.46
N PRO A 124 8.71 -21.47 -5.60
CA PRO A 124 9.25 -20.56 -6.69
C PRO A 124 8.97 -21.09 -8.09
N ILE A 138 0.49 -24.13 -3.47
CA ILE A 138 1.73 -24.74 -2.92
C ILE A 138 2.60 -23.69 -2.13
N PHE A 139 2.72 -23.89 -0.83
CA PHE A 139 3.41 -22.92 0.02
C PHE A 139 4.92 -23.26 -0.02
N ASP A 140 5.75 -22.30 0.38
CA ASP A 140 7.22 -22.53 0.53
C ASP A 140 7.57 -22.05 1.95
N ILE A 141 8.61 -22.64 2.51
CA ILE A 141 9.14 -22.20 3.83
C ILE A 141 10.50 -21.51 3.57
N VAL A 142 10.56 -20.23 3.84
CA VAL A 142 11.78 -19.43 3.56
C VAL A 142 11.97 -18.51 4.79
N ASP A 143 13.20 -18.42 5.24
CA ASP A 143 13.52 -17.50 6.34
C ASP A 143 13.56 -16.11 5.76
N LEU A 144 12.58 -15.32 6.15
CA LEU A 144 12.38 -13.97 5.55
C LEU A 144 13.52 -13.01 5.93
N CYS A 145 14.30 -13.35 6.98
CA CYS A 145 15.54 -12.62 7.24
C CYS A 145 16.51 -12.69 6.04
N THR A 146 16.54 -13.84 5.35
CA THR A 146 17.45 -13.96 4.24
C THR A 146 16.93 -13.13 3.04
N THR A 147 15.60 -13.10 2.88
CA THR A 147 14.96 -12.29 1.83
C THR A 147 15.28 -10.83 2.10
N TRP A 148 15.26 -10.46 3.37
CA TRP A 148 15.49 -9.07 3.74
C TRP A 148 16.95 -8.64 3.43
N GLU A 149 17.94 -9.50 3.71
CA GLU A 149 19.32 -9.20 3.35
C GLU A 149 19.43 -8.93 1.88
N ALA A 150 18.70 -9.68 1.06
CA ALA A 150 18.73 -9.43 -0.39
C ALA A 150 18.04 -8.14 -0.77
N MET A 151 17.03 -7.75 0.00
CA MET A 151 16.39 -6.43 -0.22
C MET A 151 17.41 -5.33 0.12
N GLU A 152 18.18 -5.53 1.20
CA GLU A 152 19.16 -4.53 1.55
C GLU A 152 20.21 -4.30 0.44
N LYS A 153 20.66 -5.38 -0.20
CA LYS A 153 21.61 -5.28 -1.27
C LYS A 153 21.00 -4.49 -2.43
N CYS A 154 19.67 -4.61 -2.66
CA CYS A 154 19.05 -3.84 -3.73
C CYS A 154 19.07 -2.34 -3.40
N LYS A 155 18.93 -2.00 -2.11
CA LYS A 155 19.07 -0.59 -1.76
C LYS A 155 20.52 -0.15 -1.97
N ASP A 156 21.47 -1.00 -1.56
CA ASP A 156 22.88 -0.59 -1.71
C ASP A 156 23.27 -0.36 -3.17
N ALA A 157 22.65 -1.13 -4.05
CA ALA A 157 22.94 -1.01 -5.48
C ALA A 157 22.23 0.15 -6.15
N GLY A 158 21.22 0.77 -5.49
CA GLY A 158 20.56 1.89 -6.09
C GLY A 158 19.33 1.51 -6.93
N LEU A 159 18.93 0.24 -6.87
CA LEU A 159 17.74 -0.20 -7.58
C LEU A 159 16.48 0.30 -6.88
N ALA A 160 16.56 0.45 -5.56
CA ALA A 160 15.39 0.92 -4.78
C ALA A 160 15.92 1.96 -3.87
N LYS A 161 15.30 3.13 -3.85
CA LYS A 161 15.84 4.10 -2.86
C LYS A 161 15.54 3.69 -1.40
N SER A 162 14.34 3.18 -1.18
CA SER A 162 13.91 2.68 0.13
C SER A 162 13.37 1.25 0.00
N ILE A 163 13.46 0.53 1.10
CA ILE A 163 12.85 -0.83 1.16
C ILE A 163 11.93 -0.97 2.37
N GLY A 164 10.93 -1.84 2.22
CA GLY A 164 9.93 -1.96 3.27
C GLY A 164 9.24 -3.32 3.14
N VAL A 165 8.19 -3.55 3.96
CA VAL A 165 7.49 -4.80 3.88
C VAL A 165 5.99 -4.50 3.75
N SER A 166 5.23 -5.57 3.53
CA SER A 166 3.78 -5.40 3.42
C SER A 166 3.14 -6.66 4.02
N ASN A 167 2.01 -6.45 4.68
CA ASN A 167 1.28 -7.59 5.26
C ASN A 167 2.03 -8.30 6.37
N PHE A 168 2.92 -7.56 7.04
CA PHE A 168 3.63 -8.21 8.19
C PHE A 168 2.89 -7.89 9.46
N ASN A 169 2.79 -8.86 10.39
CA ASN A 169 2.18 -8.47 11.73
C ASN A 169 3.37 -8.07 12.64
N ARG A 170 3.08 -7.74 13.90
CA ARG A 170 4.16 -7.30 14.79
C ARG A 170 5.30 -8.28 14.96
N ARG A 171 4.99 -9.56 15.23
CA ARG A 171 6.02 -10.55 15.47
C ARG A 171 6.99 -10.63 14.20
N GLN A 172 6.38 -10.57 13.02
CA GLN A 172 7.11 -10.76 11.74
C GLN A 172 8.00 -9.53 11.50
N LEU A 173 7.56 -8.36 11.89
CA LEU A 173 8.38 -7.16 11.79
C LEU A 173 9.52 -7.26 12.79
N GLU A 174 9.23 -7.72 14.01
CA GLU A 174 10.28 -7.89 15.03
C GLU A 174 11.32 -8.85 14.60
N MET A 175 10.90 -9.86 13.84
N MET A 175 10.95 -9.87 13.81
CA MET A 175 11.83 -10.78 13.24
CA MET A 175 12.00 -10.80 13.34
C MET A 175 12.97 -10.05 12.50
C MET A 175 13.03 -10.09 12.43
N ILE A 176 12.57 -9.15 11.62
CA ILE A 176 13.50 -8.32 10.86
C ILE A 176 14.25 -7.31 11.74
N LEU A 177 13.54 -6.59 12.64
CA LEU A 177 14.20 -5.56 13.44
C LEU A 177 15.26 -6.16 14.33
N ASN A 178 15.03 -7.43 14.77
CA ASN A 178 15.98 -8.08 15.65
C ASN A 178 17.07 -8.90 14.93
N LYS A 179 17.10 -8.85 13.60
CA LYS A 179 18.07 -9.66 12.85
C LYS A 179 19.51 -9.25 13.16
N PRO A 180 20.40 -10.21 13.48
CA PRO A 180 21.79 -9.83 13.68
C PRO A 180 22.32 -9.24 12.37
N GLY A 181 23.09 -8.15 12.49
CA GLY A 181 23.73 -7.53 11.35
C GLY A 181 22.79 -6.73 10.47
N LEU A 182 21.55 -6.53 10.90
CA LEU A 182 20.57 -5.70 10.17
C LEU A 182 21.23 -4.42 9.67
N LYS A 183 21.02 -4.07 8.41
CA LYS A 183 21.62 -2.86 7.83
C LYS A 183 20.60 -1.74 7.70
N TYR A 184 19.41 -2.08 7.22
CA TYR A 184 18.37 -1.08 7.02
C TYR A 184 17.09 -1.62 7.63
N LYS A 185 16.44 -0.87 8.53
CA LYS A 185 15.06 -1.18 8.88
C LYS A 185 14.14 -1.01 7.68
N PRO A 186 13.02 -1.75 7.67
CA PRO A 186 11.94 -1.43 6.73
C PRO A 186 11.47 0.02 6.98
N VAL A 187 11.24 0.81 5.94
CA VAL A 187 10.73 2.16 6.14
C VAL A 187 9.25 2.16 6.45
N CYS A 188 8.58 1.09 6.05
CA CYS A 188 7.14 1.05 6.16
C CYS A 188 6.66 -0.39 6.27
N ASN A 189 5.41 -0.54 6.72
CA ASN A 189 4.68 -1.79 6.60
C ASN A 189 3.33 -1.41 5.98
N GLN A 190 3.08 -1.89 4.77
CA GLN A 190 1.82 -1.57 4.04
C GLN A 190 0.84 -2.71 4.37
N VAL A 191 -0.31 -2.35 4.95
CA VAL A 191 -1.19 -3.40 5.52
C VAL A 191 -2.62 -3.02 5.29
N GLU A 192 -3.52 -3.99 5.43
CA GLU A 192 -4.96 -3.62 5.28
C GLU A 192 -5.32 -2.72 6.49
N CYS A 193 -5.97 -1.56 6.26
CA CYS A 193 -6.26 -0.77 7.41
C CYS A 193 -7.37 0.23 7.02
N HIS A 194 -8.46 0.22 7.79
CA HIS A 194 -9.59 1.12 7.50
C HIS A 194 -10.45 1.07 8.78
N PRO A 195 -11.54 1.83 8.81
CA PRO A 195 -12.19 1.92 10.13
C PRO A 195 -12.72 0.61 10.67
N TYR A 196 -12.93 -0.46 9.80
CA TYR A 196 -13.41 -1.77 10.45
C TYR A 196 -12.27 -2.62 10.91
N PHE A 197 -11.05 -2.20 10.59
CA PHE A 197 -9.84 -2.96 10.95
C PHE A 197 -8.70 -1.93 11.04
N ASN A 198 -8.67 -1.19 12.15
CA ASN A 198 -7.92 0.04 12.11
C ASN A 198 -6.44 -0.15 12.55
N ARG A 199 -6.10 -1.36 13.08
CA ARG A 199 -4.69 -1.73 13.35
C ARG A 199 -4.04 -0.85 14.39
N SER A 200 -4.85 -0.38 15.35
CA SER A 200 -4.33 0.62 16.31
C SER A 200 -3.07 0.18 16.99
N LYS A 201 -3.09 -1.03 17.50
CA LYS A 201 -1.90 -1.54 18.25
C LYS A 201 -0.67 -1.74 17.35
N LEU A 202 -0.86 -2.28 16.15
CA LEU A 202 0.22 -2.36 15.21
C LEU A 202 0.73 -0.96 14.79
N LEU A 203 -0.18 0.02 14.61
CA LEU A 203 0.19 1.41 14.32
C LEU A 203 1.07 1.97 15.45
N ASP A 204 0.73 1.72 16.71
CA ASP A 204 1.51 2.18 17.84
C ASP A 204 2.87 1.50 17.83
N PHE A 205 2.92 0.23 17.41
CA PHE A 205 4.21 -0.44 17.42
C PHE A 205 5.10 0.17 16.28
N CYS A 206 4.52 0.34 15.08
CA CYS A 206 5.24 0.92 13.93
C CYS A 206 5.79 2.36 14.36
N LYS A 207 4.95 3.17 14.97
CA LYS A 207 5.32 4.54 15.37
C LYS A 207 6.49 4.42 16.35
N SER A 208 6.43 3.45 17.28
CA SER A 208 7.57 3.30 18.24
C SER A 208 8.90 2.95 17.61
N LYS A 209 8.89 2.35 16.43
CA LYS A 209 10.09 1.99 15.71
C LYS A 209 10.40 2.90 14.51
N ASP A 210 9.68 4.00 14.38
CA ASP A 210 9.82 4.96 13.22
C ASP A 210 9.64 4.20 11.86
N ILE A 211 8.61 3.36 11.82
CA ILE A 211 8.22 2.60 10.62
C ILE A 211 6.85 3.16 10.26
N VAL A 212 6.66 3.60 9.02
CA VAL A 212 5.37 4.19 8.57
C VAL A 212 4.41 3.10 8.28
N LEU A 213 3.17 3.22 8.78
CA LEU A 213 2.16 2.27 8.35
C LEU A 213 1.47 2.89 7.13
N VAL A 214 1.38 2.10 6.06
CA VAL A 214 0.69 2.49 4.87
C VAL A 214 -0.59 1.69 4.76
N ALA A 215 -1.73 2.36 4.63
CA ALA A 215 -2.99 1.63 4.61
C ALA A 215 -3.46 1.35 3.18
N TYR A 216 -3.78 0.07 2.97
CA TYR A 216 -4.50 -0.35 1.77
C TYR A 216 -5.91 -0.78 2.10
N SER A 217 -6.76 -0.85 1.05
CA SER A 217 -8.22 -1.12 1.27
C SER A 217 -8.77 -0.07 2.28
N ALA A 218 -8.22 1.12 2.23
CA ALA A 218 -8.68 2.17 3.11
C ALA A 218 -10.08 2.63 2.77
N LEU A 219 -10.54 2.36 1.53
CA LEU A 219 -11.93 2.67 1.16
C LEU A 219 -12.80 1.42 1.22
N GLY A 220 -12.28 0.35 1.81
CA GLY A 220 -13.10 -0.80 2.03
C GLY A 220 -12.85 -1.93 1.07
N SER A 221 -11.82 -1.78 0.25
CA SER A 221 -11.45 -2.81 -0.76
C SER A 221 -12.35 -2.81 -1.99
N GLN A 222 -11.86 -3.50 -3.00
CA GLN A 222 -12.64 -3.75 -4.26
C GLN A 222 -13.58 -4.93 -4.11
N ARG A 223 -13.60 -5.55 -2.93
CA ARG A 223 -14.60 -6.64 -2.68
C ARG A 223 -14.57 -7.76 -3.75
N ASP A 224 -13.37 -8.16 -4.16
CA ASP A 224 -13.18 -9.21 -5.14
C ASP A 224 -13.72 -10.55 -4.64
N LYS A 225 -14.56 -11.21 -5.44
CA LYS A 225 -15.18 -12.50 -5.08
C LYS A 225 -14.15 -13.59 -4.83
N ARG A 226 -12.90 -13.40 -5.25
CA ARG A 226 -11.98 -14.48 -4.99
C ARG A 226 -11.63 -14.56 -3.48
N TRP A 227 -11.70 -13.40 -2.82
N TRP A 227 -11.71 -13.47 -2.73
CA TRP A 227 -11.06 -13.16 -1.53
CA TRP A 227 -11.35 -13.60 -1.33
C TRP A 227 -12.00 -12.64 -0.40
C TRP A 227 -12.11 -12.74 -0.32
N VAL A 228 -13.10 -11.99 -0.77
CA VAL A 228 -13.87 -11.13 0.14
C VAL A 228 -15.23 -11.74 0.28
N ASP A 229 -15.72 -11.91 1.50
CA ASP A 229 -17.06 -12.43 1.65
C ASP A 229 -18.08 -11.31 1.27
N PRO A 230 -18.99 -11.56 0.29
CA PRO A 230 -19.91 -10.48 -0.04
C PRO A 230 -20.86 -10.10 1.09
N ASN A 231 -20.99 -10.94 2.12
CA ASN A 231 -21.80 -10.57 3.29
C ASN A 231 -21.12 -9.50 4.16
N SER A 232 -19.82 -9.31 3.94
CA SER A 232 -18.99 -8.35 4.76
C SER A 232 -19.60 -6.93 4.57
N PRO A 233 -19.60 -6.14 5.64
CA PRO A 233 -20.30 -4.83 5.48
C PRO A 233 -19.51 -3.94 4.51
N VAL A 234 -20.24 -3.03 3.83
CA VAL A 234 -19.63 -2.23 2.80
C VAL A 234 -19.19 -0.93 3.49
N LEU A 235 -17.88 -0.75 3.57
CA LEU A 235 -17.34 0.36 4.40
C LEU A 235 -17.97 1.68 3.97
N LEU A 236 -18.07 1.93 2.65
CA LEU A 236 -18.53 3.30 2.27
C LEU A 236 -20.02 3.52 2.48
N GLU A 237 -20.74 2.50 2.90
CA GLU A 237 -22.16 2.60 3.28
C GLU A 237 -22.34 2.71 4.77
N ASP A 238 -21.23 2.86 5.49
CA ASP A 238 -21.35 2.88 6.92
C ASP A 238 -22.10 4.13 7.44
N PRO A 239 -23.03 3.99 8.37
CA PRO A 239 -23.80 5.18 8.76
C PRO A 239 -23.03 6.28 9.45
N VAL A 240 -22.00 5.90 10.22
CA VAL A 240 -21.15 6.90 10.87
C VAL A 240 -20.36 7.66 9.82
N LEU A 241 -19.76 6.95 8.91
CA LEU A 241 -19.04 7.66 7.82
C LEU A 241 -20.01 8.53 6.98
N CYS A 242 -21.21 8.04 6.69
CA CYS A 242 -22.19 8.86 5.92
CA CYS A 242 -22.14 8.88 5.90
C CYS A 242 -22.60 10.10 6.70
N ALA A 243 -22.78 9.94 8.02
CA ALA A 243 -23.13 11.11 8.87
C ALA A 243 -22.01 12.11 8.94
N LEU A 244 -20.77 11.64 9.03
CA LEU A 244 -19.65 12.60 9.02
C LEU A 244 -19.52 13.27 7.64
N ALA A 245 -19.74 12.50 6.56
CA ALA A 245 -19.68 13.07 5.20
C ALA A 245 -20.75 14.18 5.12
N LYS A 246 -21.98 13.99 5.68
CA LYS A 246 -22.96 15.08 5.66
C LYS A 246 -22.55 16.28 6.51
N LYS A 247 -21.99 15.99 7.68
CA LYS A 247 -21.54 17.05 8.60
C LYS A 247 -20.53 17.98 7.91
N HIS A 248 -19.56 17.39 7.23
CA HIS A 248 -18.47 18.13 6.56
C HIS A 248 -18.79 18.49 5.08
N LYS A 249 -19.95 18.05 4.54
CA LYS A 249 -20.29 18.21 3.12
C LYS A 249 -19.09 17.72 2.30
N ARG A 250 -18.64 16.51 2.64
CA ARG A 250 -17.68 15.78 1.83
C ARG A 250 -18.31 14.44 1.40
N THR A 251 -17.57 13.37 1.36
CA THR A 251 -18.11 12.04 0.91
C THR A 251 -17.57 11.06 1.92
N PRO A 252 -18.21 9.89 2.02
CA PRO A 252 -17.71 8.86 2.94
C PRO A 252 -16.28 8.43 2.60
N ALA A 253 -15.92 8.36 1.34
CA ALA A 253 -14.55 8.03 1.01
C ALA A 253 -13.55 9.06 1.56
N LEU A 254 -13.91 10.35 1.49
CA LEU A 254 -12.98 11.38 1.94
C LEU A 254 -12.86 11.31 3.45
N ILE A 255 -13.95 10.99 4.18
CA ILE A 255 -13.85 10.80 5.63
C ILE A 255 -12.89 9.67 5.90
N ALA A 256 -13.03 8.56 5.21
CA ALA A 256 -12.15 7.45 5.44
C ALA A 256 -10.68 7.74 5.21
N LEU A 257 -10.40 8.50 4.15
CA LEU A 257 -9.01 8.84 3.85
C LEU A 257 -8.51 9.82 4.89
N ARG A 258 -9.31 10.82 5.22
CA ARG A 258 -8.81 11.81 6.19
C ARG A 258 -8.55 11.20 7.57
N TYR A 259 -9.39 10.24 7.95
CA TYR A 259 -9.15 9.53 9.22
C TYR A 259 -7.71 9.03 9.26
N GLN A 260 -7.28 8.42 8.16
CA GLN A 260 -5.93 7.84 8.16
C GLN A 260 -4.86 8.93 8.28
N LEU A 261 -5.03 10.02 7.53
CA LEU A 261 -3.95 11.06 7.64
C LEU A 261 -3.83 11.60 9.04
N GLN A 262 -4.97 11.79 9.71
CA GLN A 262 -4.91 12.33 11.05
C GLN A 262 -4.32 11.38 12.13
N ARG A 263 -4.24 10.08 11.85
CA ARG A 263 -3.58 9.16 12.80
CA ARG A 263 -3.62 9.08 12.70
C ARG A 263 -2.15 8.88 12.37
N GLY A 264 -1.63 9.64 11.41
CA GLY A 264 -0.20 9.49 11.02
C GLY A 264 -0.02 8.32 10.08
N VAL A 265 -1.08 7.81 9.44
CA VAL A 265 -0.99 6.73 8.45
C VAL A 265 -0.91 7.29 7.04
N VAL A 266 -0.03 6.75 6.21
CA VAL A 266 0.02 7.16 4.81
C VAL A 266 -1.04 6.30 4.12
N VAL A 267 -1.84 6.91 3.26
CA VAL A 267 -3.03 6.20 2.83
C VAL A 267 -3.04 6.06 1.31
N LEU A 268 -3.41 4.86 0.84
CA LEU A 268 -3.58 4.64 -0.62
C LEU A 268 -5.08 4.73 -0.95
N ALA A 269 -5.39 4.98 -2.21
CA ALA A 269 -6.77 5.11 -2.68
C ALA A 269 -6.69 4.64 -4.12
N LYS A 270 -7.35 3.55 -4.43
CA LYS A 270 -7.54 3.11 -5.85
C LYS A 270 -8.84 3.66 -6.40
N SER A 271 -8.77 4.28 -7.59
CA SER A 271 -9.97 4.58 -8.37
C SER A 271 -9.60 4.50 -9.83
N TYR A 272 -10.47 3.89 -10.65
CA TYR A 272 -10.30 3.88 -12.08
C TYR A 272 -11.39 4.77 -12.73
N ASN A 273 -12.00 5.65 -11.91
CA ASN A 273 -13.02 6.58 -12.39
C ASN A 273 -12.51 8.05 -12.35
N GLU A 274 -12.60 8.80 -13.43
CA GLU A 274 -11.99 10.14 -13.48
C GLU A 274 -12.53 11.07 -12.36
N GLN A 275 -13.84 11.07 -12.12
CA GLN A 275 -14.35 11.97 -11.07
C GLN A 275 -13.84 11.57 -9.68
N ARG A 276 -13.83 10.28 -9.35
CA ARG A 276 -13.42 9.92 -8.00
C ARG A 276 -11.91 10.11 -7.81
N ILE A 277 -11.14 9.93 -8.87
CA ILE A 277 -9.70 10.18 -8.76
C ILE A 277 -9.48 11.64 -8.34
N ARG A 278 -10.18 12.53 -9.02
CA ARG A 278 -10.08 13.98 -8.75
C ARG A 278 -10.63 14.32 -7.37
N GLN A 279 -11.70 13.64 -6.97
CA GLN A 279 -12.30 13.89 -5.61
C GLN A 279 -11.32 13.53 -4.48
N ASN A 280 -10.61 12.39 -4.66
CA ASN A 280 -9.77 11.87 -3.56
C ASN A 280 -8.69 12.83 -3.11
N VAL A 281 -8.18 13.65 -4.01
CA VAL A 281 -7.21 14.66 -3.54
C VAL A 281 -7.80 15.74 -2.62
N GLN A 282 -9.15 15.81 -2.49
CA GLN A 282 -9.75 16.76 -1.50
C GLN A 282 -9.47 16.41 -0.05
N VAL A 283 -8.83 15.25 0.19
CA VAL A 283 -8.50 14.89 1.54
C VAL A 283 -7.67 15.95 2.28
N PHE A 284 -6.95 16.76 1.49
CA PHE A 284 -6.11 17.80 2.07
C PHE A 284 -6.90 19.05 2.43
N GLU A 285 -8.18 19.11 2.09
CA GLU A 285 -8.85 20.40 2.15
C GLU A 285 -9.69 20.59 3.44
N PHE A 286 -9.79 19.56 4.29
CA PHE A 286 -10.62 19.67 5.47
C PHE A 286 -10.06 18.87 6.62
N GLN A 287 -10.58 19.06 7.82
CA GLN A 287 -10.15 18.16 8.86
C GLN A 287 -11.30 17.70 9.75
N LEU A 288 -10.98 16.68 10.51
CA LEU A 288 -11.96 16.02 11.43
C LEU A 288 -11.61 16.41 12.85
N THR A 289 -12.64 16.58 13.72
CA THR A 289 -12.38 16.96 15.11
C THR A 289 -12.10 15.67 15.89
N ALA A 290 -11.75 15.83 17.17
CA ALA A 290 -11.39 14.69 18.02
C ALA A 290 -12.63 13.80 18.19
N GLU A 291 -13.81 14.43 18.30
CA GLU A 291 -15.05 13.69 18.46
C GLU A 291 -15.32 12.93 17.21
N ASP A 292 -15.05 13.54 16.04
CA ASP A 292 -15.20 12.74 14.77
C ASP A 292 -14.30 11.53 14.71
N MET A 293 -13.03 11.74 15.05
CA MET A 293 -12.02 10.69 15.09
C MET A 293 -12.44 9.58 16.08
N LYS A 294 -12.99 9.97 17.25
CA LYS A 294 -13.40 8.98 18.24
C LYS A 294 -14.59 8.15 17.64
N ALA A 295 -15.52 8.84 16.95
CA ALA A 295 -16.66 8.15 16.31
C ALA A 295 -16.17 7.14 15.28
N ILE A 296 -15.14 7.46 14.52
CA ILE A 296 -14.58 6.54 13.57
C ILE A 296 -13.87 5.39 14.22
N ASP A 297 -13.10 5.69 15.26
CA ASP A 297 -12.39 4.67 15.97
C ASP A 297 -13.37 3.65 16.61
N GLY A 298 -14.59 4.11 16.88
CA GLY A 298 -15.70 3.27 17.37
C GLY A 298 -16.12 2.16 16.38
N LEU A 299 -15.74 2.28 15.11
CA LEU A 299 -16.17 1.29 14.08
C LEU A 299 -15.34 0.04 14.04
N ASP A 300 -14.20 0.02 14.78
CA ASP A 300 -13.24 -1.07 14.71
C ASP A 300 -13.97 -2.38 15.09
N ARG A 301 -13.79 -3.38 14.26
CA ARG A 301 -14.50 -4.64 14.48
C ARG A 301 -13.71 -5.83 14.00
N ASN A 302 -12.39 -5.67 13.82
CA ASN A 302 -11.53 -6.83 13.44
C ASN A 302 -11.98 -7.49 12.08
N LEU A 303 -12.38 -6.67 11.13
CA LEU A 303 -12.86 -7.13 9.84
C LEU A 303 -11.81 -6.91 8.81
N HIS A 304 -11.04 -7.95 8.51
CA HIS A 304 -10.17 -7.86 7.35
C HIS A 304 -10.94 -8.42 6.17
N TYR A 305 -11.02 -7.62 5.13
CA TYR A 305 -11.78 -8.05 3.95
C TYR A 305 -11.16 -9.21 3.25
N PHE A 306 -9.81 -9.28 3.23
N PHE A 306 -9.85 -9.28 3.08
CA PHE A 306 -9.18 -10.58 2.90
CA PHE A 306 -9.29 -10.48 2.47
C PHE A 306 -9.46 -11.65 3.88
C PHE A 306 -9.28 -11.62 3.53
N ASN A 307 -10.20 -12.63 3.42
CA ASN A 307 -10.51 -13.68 4.35
C ASN A 307 -10.82 -14.95 3.59
N SER A 308 -9.80 -15.69 3.19
CA SER A 308 -9.96 -16.81 2.33
C SER A 308 -9.12 -17.96 2.88
N ASP A 309 -9.62 -19.16 2.74
CA ASP A 309 -8.93 -20.44 3.04
C ASP A 309 -7.59 -20.47 2.28
N SER A 310 -7.51 -19.74 1.16
CA SER A 310 -6.33 -19.88 0.26
C SER A 310 -5.13 -19.37 1.01
N PHE A 311 -5.34 -18.50 1.96
CA PHE A 311 -4.20 -18.11 2.81
C PHE A 311 -4.30 -18.20 4.31
N ALA A 312 -5.53 -18.35 4.80
CA ALA A 312 -5.75 -18.40 6.22
C ALA A 312 -5.01 -19.60 6.75
N SER A 313 -4.71 -20.56 5.91
CA SER A 313 -4.02 -21.66 6.45
C SER A 313 -2.54 -21.66 6.14
N HIS A 314 -2.03 -20.55 5.65
CA HIS A 314 -0.58 -20.51 5.42
C HIS A 314 0.18 -20.40 6.76
N PRO A 315 1.38 -21.00 6.88
CA PRO A 315 2.12 -20.90 8.15
C PRO A 315 2.55 -19.52 8.58
N ASN A 316 2.70 -18.56 7.64
CA ASN A 316 3.03 -17.15 7.92
C ASN A 316 1.85 -16.26 7.72
N TYR A 317 0.62 -16.82 7.81
CA TYR A 317 -0.58 -15.96 7.71
C TYR A 317 -0.47 -14.86 8.79
N PRO A 318 -0.61 -13.60 8.42
CA PRO A 318 -0.35 -12.58 9.45
C PRO A 318 -1.46 -12.42 10.47
N TYR A 319 -2.68 -12.90 10.17
CA TYR A 319 -3.77 -12.52 11.07
C TYR A 319 -3.94 -13.61 12.14
N SER A 320 -3.08 -14.60 12.14
CA SER A 320 -3.15 -15.59 13.23
C SER A 320 -2.65 -14.99 14.59
N ASP A 321 -2.05 -13.79 14.56
CA ASP A 321 -1.77 -13.06 15.81
C ASP A 321 -2.88 -12.04 16.15
PA NAP B . -9.51 0.83 -2.10
O1A NAP B . -10.05 0.42 -0.84
O2A NAP B . -8.69 1.97 -2.23
O5B NAP B . -10.71 1.25 -2.99
C5B NAP B . -11.97 0.48 -3.09
C4B NAP B . -12.86 1.12 -4.17
O4B NAP B . -13.17 2.42 -3.77
C3B NAP B . -12.12 1.27 -5.52
O3B NAP B . -12.46 0.15 -6.28
C2B NAP B . -12.88 2.48 -6.13
O2B NAP B . -13.80 2.08 -7.17
C1B NAP B . -13.73 3.05 -4.94
N9A NAP B . -13.54 4.53 -4.72
C8A NAP B . -12.33 5.17 -4.82
N7A NAP B . -12.58 6.44 -4.57
C5A NAP B . -13.88 6.56 -4.22
C6A NAP B . -14.69 7.64 -3.91
N6A NAP B . -14.18 8.88 -3.77
N1A NAP B . -16.00 7.43 -3.75
C2A NAP B . -16.58 6.21 -3.83
N3A NAP B . -15.83 5.13 -4.16
C4A NAP B . -14.49 5.35 -4.33
O3 NAP B . -9.04 -0.40 -3.04
PN NAP B . -7.82 -1.42 -2.84
O1N NAP B . -7.45 -1.88 -4.16
O2N NAP B . -8.28 -2.52 -1.95
O5D NAP B . -6.67 -0.73 -2.12
C5D NAP B . -5.87 0.39 -2.79
C4D NAP B . -4.47 -0.01 -3.41
O4D NAP B . -3.73 -0.53 -2.34
C3D NAP B . -4.52 -1.17 -4.44
O3D NAP B . -4.98 -0.72 -5.79
C2D NAP B . -3.06 -1.57 -4.43
O2D NAP B . -2.29 -0.44 -4.95
C1D NAP B . -2.80 -1.50 -2.88
N1N NAP B . -3.05 -2.83 -2.19
C2N NAP B . -1.98 -3.53 -1.68
C3N NAP B . -2.19 -4.72 -1.06
C7N NAP B . -0.99 -5.50 -0.53
O7N NAP B . -1.13 -6.68 -0.27
N7N NAP B . 0.12 -4.75 -0.29
C4N NAP B . -3.52 -5.26 -1.01
C5N NAP B . -4.62 -4.50 -1.48
C6N NAP B . -4.38 -3.23 -2.03
P2B NAP B . -13.67 2.90 -8.62
O1X NAP B . -12.42 2.41 -9.27
O2X NAP B . -15.03 2.46 -9.33
O3X NAP B . -13.64 4.37 -8.16
C IMN C . -4.51 -9.03 -0.96
C1 IMN C . -4.90 -8.16 -1.95
C2 IMN C . -6.03 -7.43 -1.79
C3 IMN C . -6.80 -7.44 -0.65
C4 IMN C . -6.40 -8.29 0.39
C5 IMN C . -5.24 -9.09 0.18
C6 IMN C . -8.69 -6.77 0.64
C7 IMN C . -4.02 -8.28 -2.97
C8 IMN C . -3.10 -9.17 -2.62
C9 IMN C . -2.63 -10.62 -0.74
C10 IMN C . -2.88 -10.93 0.60
C11 IMN C . -2.50 -10.01 1.56
C12 IMN C . -2.74 -10.29 2.88
C13 IMN C . -3.32 -11.46 3.24
C14 IMN C . -3.70 -12.41 2.29
C15 IMN C . -3.48 -12.15 0.92
C16 IMN C . -1.90 -9.60 -3.53
C17 IMN C . -4.13 -7.44 -4.26
C18 IMN C . -3.25 -6.23 -4.14
N IMN C . -3.38 -9.66 -1.39
O IMN C . -7.91 -6.64 -0.56
O1 IMN C . -1.84 -11.37 -1.34
O2 IMN C . -3.79 -5.15 -4.47
O3 IMN C . -2.06 -6.40 -3.67
CL IMN C . -3.54 -11.67 4.85
C1 EDO D . 0.41 14.08 -2.03
O1 EDO D . 0.68 13.35 -0.77
C2 EDO D . -0.21 13.24 -3.18
O2 EDO D . 0.54 12.05 -3.67
#